data_5N1N
#
_entry.id   5N1N
#
_cell.length_a   58.252
_cell.length_b   72.515
_cell.length_c   108.531
_cell.angle_alpha   90.00
_cell.angle_beta   90.00
_cell.angle_gamma   90.00
#
_symmetry.space_group_name_H-M   'P 21 21 21'
#
loop_
_entity.id
_entity.type
_entity.pdbx_description
1 polymer 'cAMP-dependent protein kinase catalytic subunit alpha'
2 polymer 'cAMP-dependent protein kinase inhibitor alpha-like protein'
3 non-polymer (4S)-2-METHYL-2,4-PENTANEDIOL
4 non-polymer 2-chloranyl-9-methyl-purine
5 water water
#
loop_
_entity_poly.entity_id
_entity_poly.type
_entity_poly.pdbx_seq_one_letter_code
_entity_poly.pdbx_strand_id
1 'polypeptide(L)'
;GHMGNAAAAKKG(SEP)EQESVKEFLAKAKEEFLKKWESPSQNTAQLDHFDRIKTLGTGSFGRVMLVKHKETGNHYAMKI
LDKQKVVKLKQIEHTLNEKRILQAVNFPFLVKLEFSFKDNSNLYMVMEYVPGGEMFSHLRRIGRF(SEP)EPHARFYAAQ
IVLTFEYLHSLDLIYRDLKPENLLIDQQGYIQVTDFGFAKRVKGRTW(TPO)LCGTPEYLAPEIILSKGYNKAVDWWALG
VLIYEMAAGYPPFFADQPIQIYEKIVSGKVRFPSHFSSDLKDLLRNLLQVDLTKRFGNLKNGVNDIKNHKWFATTDWIAI
YQRKVEAPFIPKFKGPGDTSNFDDYEEEEIRV(SEP)INEKCGKEFTEF
;
A
2 'polypeptide(L)' IAAGRTGRRQAIHDILVAA B
#
loop_
_chem_comp.id
_chem_comp.type
_chem_comp.name
_chem_comp.formula
8G8 non-polymer 2-chloranyl-9-methyl-purine 'C6 H5 Cl N4'
MPD non-polymer (4S)-2-METHYL-2,4-PENTANEDIOL 'C6 H14 O2'
#
# COMPACT_ATOMS: atom_id res chain seq x y z
N GLY A 1 -29.98 -17.20 14.06
CA GLY A 1 -29.08 -16.14 13.52
C GLY A 1 -28.22 -16.76 12.43
N HIS A 2 -27.29 -15.99 11.84
CA HIS A 2 -26.38 -16.56 10.84
C HIS A 2 -25.42 -17.56 11.46
N MET A 3 -24.96 -17.32 12.67
CA MET A 3 -24.03 -18.23 13.34
C MET A 3 -24.77 -18.93 14.47
N GLY A 4 -24.47 -20.20 14.66
CA GLY A 4 -24.86 -20.90 15.87
C GLY A 4 -23.97 -20.52 17.04
N ASN A 5 -24.20 -21.21 18.17
CA ASN A 5 -23.51 -20.91 19.43
C ASN A 5 -22.00 -21.06 19.31
N ALA A 6 -21.52 -22.23 18.87
CA ALA A 6 -20.07 -22.43 18.79
C ALA A 6 -19.42 -21.38 17.92
N ALA A 7 -20.03 -21.10 16.77
CA ALA A 7 -19.42 -20.16 15.85
C ALA A 7 -19.41 -18.76 16.43
N ALA A 8 -20.50 -18.34 17.08
CA ALA A 8 -20.58 -16.97 17.58
C ALA A 8 -19.55 -16.76 18.68
N ALA A 9 -19.40 -17.75 19.58
CA ALA A 9 -18.38 -17.71 20.63
C ALA A 9 -16.97 -17.68 20.07
N LYS A 10 -16.68 -18.52 19.08
CA LYS A 10 -15.35 -18.51 18.48
C LYS A 10 -15.09 -17.14 17.88
N LYS A 11 -16.06 -16.56 17.18
CA LYS A 11 -15.83 -15.27 16.54
C LYS A 11 -15.59 -14.19 17.59
N GLY A 12 -16.39 -14.16 18.63
CA GLY A 12 -16.19 -13.15 19.67
C GLY A 12 -14.81 -13.24 20.31
N SEP A 13 -14.41 -14.46 20.66
CA SEP A 13 -13.10 -14.69 21.24
CB SEP A 13 -12.92 -16.15 21.62
OG SEP A 13 -11.57 -16.40 21.96
C SEP A 13 -12.03 -14.23 20.27
O SEP A 13 -11.07 -13.54 20.69
P SEP A 13 -11.26 -17.47 23.09
O1P SEP A 13 -9.70 -17.58 23.10
O2P SEP A 13 -11.92 -16.93 24.45
O3P SEP A 13 -12.04 -18.82 22.80
H SEP A 13 -14.90 -15.18 20.59
HA SEP A 13 -13.02 -14.15 22.05
HB2 SEP A 13 -13.16 -16.71 20.87
HB3 SEP A 13 -13.48 -16.35 22.38
N GLU A 14 -12.22 -14.52 18.97
CA GLU A 14 -11.23 -14.11 17.97
C GLU A 14 -11.08 -12.58 17.93
N GLN A 15 -12.23 -11.90 18.07
CA GLN A 15 -12.23 -10.44 18.02
C GLN A 15 -11.57 -9.84 19.26
N GLU A 16 -11.77 -10.46 20.44
CA GLU A 16 -11.05 -9.99 21.63
C GLU A 16 -9.55 -10.21 21.50
N SER A 17 -9.16 -11.34 20.93
CA SER A 17 -7.74 -11.56 20.68
C SER A 17 -7.15 -10.52 19.74
N VAL A 18 -7.93 -10.07 18.76
CA VAL A 18 -7.41 -9.04 17.87
C VAL A 18 -7.14 -7.77 18.68
N LYS A 19 -8.06 -7.40 19.54
CA LYS A 19 -7.87 -6.23 20.38
C LYS A 19 -6.60 -6.36 21.20
N GLU A 20 -6.37 -7.53 21.79
CA GLU A 20 -5.17 -7.72 22.58
C GLU A 20 -3.90 -7.59 21.72
N PHE A 21 -3.92 -8.17 20.52
CA PHE A 21 -2.79 -8.00 19.61
C PHE A 21 -2.54 -6.53 19.27
N LEU A 22 -3.59 -5.78 18.97
CA LEU A 22 -3.40 -4.41 18.50
C LEU A 22 -2.91 -3.53 19.64
N ALA A 23 -3.31 -3.86 20.87
CA ALA A 23 -2.86 -3.06 21.99
C ALA A 23 -1.35 -3.23 22.16
N LYS A 24 -0.86 -4.47 22.03
CA LYS A 24 0.57 -4.69 22.15
C LYS A 24 1.30 -4.07 20.97
N ALA A 25 0.73 -4.19 19.78
CA ALA A 25 1.35 -3.59 18.59
C ALA A 25 1.47 -2.08 18.70
N LYS A 26 0.51 -1.42 19.35
CA LYS A 26 0.61 0.03 19.54
C LYS A 26 1.72 0.35 20.52
N GLU A 27 1.84 -0.42 21.59
CA GLU A 27 2.91 -0.18 22.53
C GLU A 27 4.26 -0.27 21.83
N GLU A 28 4.43 -1.28 20.96
CA GLU A 28 5.70 -1.44 20.26
C GLU A 28 5.95 -0.34 19.24
N PHE A 29 4.93 0.05 18.50
CA PHE A 29 5.08 1.13 17.51
C PHE A 29 5.50 2.43 18.17
N LEU A 30 4.85 2.78 19.27
CA LEU A 30 5.11 4.07 19.90
C LEU A 30 6.54 4.18 20.38
N LYS A 31 7.07 3.09 20.92
CA LYS A 31 8.47 3.14 21.34
C LYS A 31 9.37 3.53 20.16
N LYS A 32 9.15 2.92 18.99
CA LYS A 32 9.97 3.27 17.83
C LYS A 32 9.62 4.63 17.23
N TRP A 33 8.36 5.04 17.32
CA TRP A 33 7.94 6.31 16.73
C TRP A 33 8.55 7.48 17.46
N GLU A 34 8.64 7.37 18.80
CA GLU A 34 9.22 8.37 19.66
C GLU A 34 10.74 8.34 19.65
N SER A 35 11.37 7.35 19.02
CA SER A 35 12.83 7.20 19.02
C SER A 35 13.33 6.65 17.69
N PRO A 36 13.26 7.45 16.62
CA PRO A 36 13.74 6.93 15.34
C PRO A 36 15.24 6.63 15.36
N GLN A 38 18.28 6.64 12.04
CA GLN A 38 18.77 7.63 11.08
C GLN A 38 20.27 7.41 10.80
N ASN A 39 20.67 7.59 9.53
CA ASN A 39 22.08 7.61 9.13
C ASN A 39 22.77 6.26 9.35
N THR A 40 22.04 5.19 9.04
CA THR A 40 22.47 3.83 9.30
C THR A 40 23.33 3.25 8.17
N ALA A 41 23.69 4.02 7.14
CA ALA A 41 24.60 3.53 6.08
C ALA A 41 25.02 4.72 5.22
N GLN A 42 25.75 4.44 4.13
CA GLN A 42 26.12 5.46 3.16
C GLN A 42 26.17 4.85 1.76
N LEU A 43 26.14 5.73 0.74
CA LEU A 43 25.91 5.27 -0.62
C LEU A 43 26.97 4.29 -1.10
N ASP A 44 28.23 4.56 -0.78
CA ASP A 44 29.33 3.74 -1.28
C ASP A 44 29.36 2.34 -0.67
N HIS A 45 28.46 2.04 0.27
CA HIS A 45 28.34 0.70 0.82
C HIS A 45 27.57 -0.25 -0.10
N PHE A 46 27.02 0.26 -1.20
CA PHE A 46 26.17 -0.54 -2.08
C PHE A 46 26.66 -0.45 -3.51
N ASP A 47 26.58 -1.57 -4.23
CA ASP A 47 26.65 -1.58 -5.68
C ASP A 47 25.24 -1.43 -6.25
N ARG A 48 25.09 -0.53 -7.21
N ARG A 48 25.09 -0.58 -7.24
CA ARG A 48 23.80 -0.32 -7.86
CA ARG A 48 23.79 -0.34 -7.85
C ARG A 48 23.69 -1.26 -9.04
C ARG A 48 23.65 -1.20 -9.09
N ILE A 49 22.57 -1.99 -9.13
CA ILE A 49 22.40 -3.04 -10.12
C ILE A 49 21.42 -2.63 -11.20
N LYS A 50 20.19 -2.26 -10.83
CA LYS A 50 19.19 -2.07 -11.86
C LYS A 50 18.06 -1.21 -11.30
N THR A 51 17.42 -0.41 -12.15
CA THR A 51 16.23 0.32 -11.73
C THR A 51 15.03 -0.60 -11.78
N LEU A 52 14.30 -0.65 -10.66
CA LEU A 52 13.12 -1.50 -10.51
C LEU A 52 11.81 -0.77 -10.71
N GLY A 53 11.83 0.54 -10.65
CA GLY A 53 10.64 1.37 -10.77
C GLY A 53 11.05 2.84 -10.70
N THR A 54 10.17 3.69 -11.20
CA THR A 54 10.45 5.12 -11.26
C THR A 54 9.19 5.92 -10.93
N GLY A 55 9.38 7.09 -10.34
CA GLY A 55 8.31 8.04 -10.09
C GLY A 55 8.75 9.49 -10.27
N SER A 56 7.96 10.44 -9.75
CA SER A 56 8.23 11.84 -10.04
C SER A 56 9.53 12.33 -9.37
N PHE A 57 9.80 11.84 -8.16
CA PHE A 57 10.92 12.36 -7.37
C PHE A 57 12.20 11.53 -7.48
N GLY A 58 12.16 10.37 -8.16
CA GLY A 58 13.32 9.49 -8.19
C GLY A 58 13.07 8.10 -8.72
N ARG A 59 13.64 7.10 -8.04
CA ARG A 59 13.57 5.75 -8.56
C ARG A 59 13.82 4.79 -7.42
N VAL A 60 13.49 3.52 -7.67
CA VAL A 60 13.86 2.44 -6.76
C VAL A 60 14.82 1.54 -7.52
N MET A 61 15.94 1.22 -6.90
CA MET A 61 16.96 0.44 -7.54
C MET A 61 17.22 -0.82 -6.74
N LEU A 62 17.46 -1.91 -7.44
CA LEU A 62 18.11 -3.03 -6.80
C LEU A 62 19.56 -2.65 -6.52
N VAL A 63 19.99 -2.89 -5.28
CA VAL A 63 21.37 -2.66 -4.87
C VAL A 63 21.87 -3.89 -4.14
N LYS A 64 23.19 -4.03 -4.11
CA LYS A 64 23.83 -5.11 -3.42
C LYS A 64 24.74 -4.48 -2.37
N HIS A 65 24.53 -4.83 -1.10
CA HIS A 65 25.40 -4.37 -0.03
C HIS A 65 26.78 -5.00 -0.18
N LYS A 66 27.82 -4.17 -0.22
CA LYS A 66 29.12 -4.70 -0.61
C LYS A 66 29.65 -5.65 0.46
N GLU A 67 29.48 -5.27 1.74
CA GLU A 67 30.08 -6.05 2.81
C GLU A 67 29.41 -7.42 2.92
N THR A 68 28.07 -7.46 2.96
CA THR A 68 27.36 -8.69 3.31
C THR A 68 26.88 -9.47 2.10
N GLY A 69 26.80 -8.83 0.93
CA GLY A 69 26.29 -9.45 -0.26
C GLY A 69 24.78 -9.49 -0.36
N ASN A 70 24.07 -8.94 0.62
CA ASN A 70 22.63 -8.97 0.64
C ASN A 70 22.11 -8.01 -0.41
N HIS A 71 21.01 -8.36 -1.05
CA HIS A 71 20.37 -7.45 -1.97
C HIS A 71 19.28 -6.68 -1.27
N TYR A 72 19.05 -5.44 -1.73
CA TYR A 72 18.05 -4.56 -1.14
C TYR A 72 17.44 -3.74 -2.26
N ALA A 73 16.26 -3.17 -1.99
CA ALA A 73 15.66 -2.14 -2.82
C ALA A 73 15.95 -0.78 -2.21
N MET A 74 16.58 0.10 -2.99
CA MET A 74 16.94 1.42 -2.51
C MET A 74 16.09 2.46 -3.21
N LYS A 75 15.27 3.16 -2.46
CA LYS A 75 14.53 4.27 -3.01
C LYS A 75 15.39 5.52 -2.90
N ILE A 76 15.52 6.24 -4.02
CA ILE A 76 16.36 7.45 -4.11
C ILE A 76 15.43 8.60 -4.44
N LEU A 77 15.45 9.65 -3.61
CA LEU A 77 14.67 10.86 -3.86
C LEU A 77 15.63 12.03 -4.05
N ASP A 78 15.48 12.70 -5.17
CA ASP A 78 16.22 13.92 -5.46
C ASP A 78 15.68 15.04 -4.59
N LYS A 79 16.51 15.56 -3.66
CA LYS A 79 15.99 16.53 -2.70
C LYS A 79 15.40 17.73 -3.39
N GLN A 80 16.03 18.20 -4.49
CA GLN A 80 15.49 19.35 -5.17
C GLN A 80 14.10 19.06 -5.73
N LYS A 81 13.89 17.87 -6.32
CA LYS A 81 12.60 17.55 -6.92
C LYS A 81 11.53 17.47 -5.86
N VAL A 82 11.90 17.16 -4.63
CA VAL A 82 10.95 17.14 -3.52
C VAL A 82 10.80 18.63 -3.24
N VAL A 83 10.09 19.35 -4.11
CA VAL A 83 10.13 20.82 -4.07
C VAL A 83 8.94 21.38 -3.31
N LYS A 84 7.74 20.85 -3.59
CA LYS A 84 6.50 21.36 -3.03
C LYS A 84 6.39 21.02 -1.56
N LEU A 85 5.71 21.90 -0.82
CA LEU A 85 5.60 21.75 0.63
C LEU A 85 5.09 20.37 1.01
N LYS A 86 3.97 19.93 0.42
CA LYS A 86 3.44 18.64 0.81
C LYS A 86 4.38 17.49 0.46
N GLN A 87 5.16 17.63 -0.62
CA GLN A 87 6.21 16.65 -0.96
C GLN A 87 7.26 16.44 0.18
N ILE A 88 7.79 17.52 0.78
CA ILE A 88 8.74 17.43 1.89
C ILE A 88 8.15 16.68 3.12
N GLU A 89 7.00 17.17 3.63
CA GLU A 89 6.37 16.61 4.81
C GLU A 89 6.07 15.13 4.60
N HIS A 90 5.62 14.81 3.39
CA HIS A 90 5.30 13.43 3.05
C HIS A 90 6.52 12.52 3.09
N THR A 91 7.67 13.02 2.67
CA THR A 91 8.90 12.23 2.70
C THR A 91 9.33 11.96 4.14
N LEU A 92 9.14 12.94 5.03
CA LEU A 92 9.46 12.71 6.44
C LEU A 92 8.48 11.72 7.07
N ASN A 93 7.19 11.82 6.74
CA ASN A 93 6.21 10.81 7.18
C ASN A 93 6.66 9.42 6.77
N GLU A 94 7.01 9.27 5.50
CA GLU A 94 7.33 7.96 4.96
C GLU A 94 8.43 7.31 5.76
N LYS A 95 9.56 8.02 5.96
CA LYS A 95 10.69 7.44 6.66
C LYS A 95 10.32 7.12 8.11
N ARG A 96 9.67 8.05 8.78
CA ARG A 96 9.37 7.84 10.18
C ARG A 96 8.39 6.67 10.39
N ILE A 97 7.40 6.53 9.53
CA ILE A 97 6.45 5.44 9.63
C ILE A 97 7.14 4.12 9.34
N LEU A 98 7.94 4.07 8.28
CA LEU A 98 8.56 2.80 7.92
C LEU A 98 9.51 2.32 8.98
N GLN A 99 10.21 3.25 9.65
CA GLN A 99 11.11 2.81 10.69
C GLN A 99 10.38 2.28 11.92
N ALA A 100 9.11 2.60 12.11
CA ALA A 100 8.40 2.27 13.34
C ALA A 100 7.42 1.09 13.21
N VAL A 101 6.95 0.75 12.02
CA VAL A 101 5.92 -0.29 11.89
C VAL A 101 6.58 -1.66 11.84
N ASN A 102 5.76 -2.69 12.08
CA ASN A 102 6.22 -4.08 12.01
C ASN A 102 4.99 -4.94 11.76
N PHE A 103 4.90 -5.51 10.56
CA PHE A 103 3.77 -6.35 10.23
C PHE A 103 4.18 -7.26 9.06
N PRO A 104 3.60 -8.47 8.93
CA PRO A 104 4.17 -9.41 7.96
C PRO A 104 4.00 -9.00 6.53
N PHE A 105 3.06 -8.08 6.24
CA PHE A 105 2.79 -7.65 4.88
C PHE A 105 3.28 -6.25 4.58
N LEU A 106 4.11 -5.67 5.43
CA LEU A 106 4.67 -4.34 5.23
C LEU A 106 6.17 -4.47 5.02
N VAL A 107 6.67 -3.84 3.96
CA VAL A 107 8.09 -3.94 3.67
C VAL A 107 8.93 -3.44 4.85
N LYS A 108 10.05 -4.10 5.08
CA LYS A 108 10.95 -3.76 6.19
C LYS A 108 12.06 -2.84 5.72
N LEU A 109 12.17 -1.69 6.38
CA LEU A 109 13.25 -0.75 6.12
C LEU A 109 14.50 -1.22 6.86
N GLU A 110 15.63 -1.14 6.18
CA GLU A 110 16.93 -1.54 6.73
C GLU A 110 17.83 -0.36 7.02
N PHE A 111 17.93 0.60 6.11
CA PHE A 111 18.78 1.76 6.33
C PHE A 111 18.10 3.01 5.79
N SER A 112 18.53 4.15 6.27
CA SER A 112 18.09 5.45 5.79
C SER A 112 19.29 6.39 5.88
N PHE A 113 19.49 7.27 4.89
CA PHE A 113 20.57 8.24 4.93
C PHE A 113 20.33 9.30 3.86
N LYS A 114 21.17 10.33 3.85
CA LYS A 114 21.03 11.40 2.88
C LYS A 114 22.41 11.93 2.55
N ASP A 115 22.53 12.60 1.41
CA ASP A 115 23.79 13.24 1.03
C ASP A 115 23.47 14.63 0.50
N ASN A 116 24.40 15.25 -0.22
CA ASN A 116 24.14 16.60 -0.67
C ASN A 116 22.94 16.70 -1.60
N SER A 117 22.64 15.65 -2.36
CA SER A 117 21.65 15.76 -3.42
C SER A 117 20.39 14.98 -3.14
N ASN A 118 20.49 13.83 -2.47
CA ASN A 118 19.43 12.83 -2.43
C ASN A 118 19.09 12.39 -1.02
N LEU A 119 17.87 11.82 -0.88
CA LEU A 119 17.47 11.05 0.28
C LEU A 119 17.45 9.58 -0.14
N TYR A 120 17.80 8.69 0.78
CA TYR A 120 17.84 7.25 0.50
C TYR A 120 17.13 6.43 1.56
N MET A 121 16.29 5.48 1.14
CA MET A 121 15.68 4.50 2.04
C MET A 121 15.94 3.13 1.43
N VAL A 122 16.56 2.26 2.21
CA VAL A 122 17.01 0.96 1.76
C VAL A 122 16.16 -0.06 2.47
N MET A 123 15.40 -0.84 1.70
CA MET A 123 14.44 -1.78 2.27
C MET A 123 14.65 -3.17 1.68
N GLU A 124 13.99 -4.14 2.29
CA GLU A 124 14.05 -5.51 1.82
C GLU A 124 13.67 -5.58 0.34
N TYR A 125 14.44 -6.33 -0.44
CA TYR A 125 14.12 -6.58 -1.84
C TYR A 125 13.07 -7.69 -1.90
N VAL A 126 11.99 -7.44 -2.65
CA VAL A 126 10.90 -8.39 -2.80
C VAL A 126 10.89 -8.85 -4.24
N PRO A 127 11.45 -10.02 -4.56
CA PRO A 127 11.83 -10.29 -5.96
C PRO A 127 10.70 -10.76 -6.86
N GLY A 128 9.51 -11.01 -6.33
CA GLY A 128 8.44 -11.55 -7.16
C GLY A 128 7.76 -10.55 -8.06
N GLY A 129 8.09 -9.26 -7.95
CA GLY A 129 7.52 -8.24 -8.79
C GLY A 129 6.24 -7.62 -8.24
N GLU A 130 5.74 -6.61 -8.95
CA GLU A 130 4.51 -5.94 -8.60
C GLU A 130 3.28 -6.77 -8.97
N MET A 131 2.28 -6.73 -8.08
CA MET A 131 0.95 -7.27 -8.44
C MET A 131 0.52 -6.71 -9.79
N PHE A 132 0.77 -5.43 -10.01
CA PHE A 132 0.37 -4.76 -11.24
C PHE A 132 0.73 -5.55 -12.50
N SER A 133 2.00 -5.96 -12.63
N SER A 133 2.03 -5.92 -12.63
CA SER A 133 2.36 -6.58 -13.91
CA SER A 133 2.50 -6.64 -13.81
C SER A 133 1.81 -8.00 -14.03
C SER A 133 1.74 -7.93 -13.98
N HIS A 134 1.74 -8.74 -12.92
CA HIS A 134 1.08 -10.04 -12.96
C HIS A 134 -0.39 -9.93 -13.35
N LEU A 135 -1.09 -8.92 -12.81
CA LEU A 135 -2.50 -8.70 -13.11
C LEU A 135 -2.70 -8.31 -14.56
N ARG A 136 -1.86 -7.38 -15.06
CA ARG A 136 -1.99 -6.96 -16.45
C ARG A 136 -1.69 -8.10 -17.42
N ARG A 137 -0.75 -9.00 -17.05
CA ARG A 137 -0.39 -10.09 -17.94
C ARG A 137 -1.48 -11.14 -18.00
N ILE A 138 -2.11 -11.49 -16.86
CA ILE A 138 -3.10 -12.57 -16.84
C ILE A 138 -4.48 -12.02 -17.14
N GLY A 139 -4.70 -10.72 -17.00
CA GLY A 139 -6.00 -10.11 -17.26
C GLY A 139 -6.73 -9.83 -15.96
N ARG A 140 -7.21 -10.88 -15.27
CA ARG A 140 -7.88 -10.70 -13.99
C ARG A 140 -7.57 -11.92 -13.14
N PHE A 141 -7.72 -11.75 -11.83
CA PHE A 141 -7.60 -12.88 -10.88
C PHE A 141 -8.99 -13.43 -10.62
N SEP A 142 -9.06 -14.73 -10.43
CA SEP A 142 -10.32 -15.33 -9.99
CB SEP A 142 -10.18 -16.85 -10.00
OG SEP A 142 -9.38 -17.23 -8.88
C SEP A 142 -10.68 -14.85 -8.59
O SEP A 142 -9.84 -14.28 -7.88
P SEP A 142 -8.83 -18.77 -8.91
O1P SEP A 142 -7.70 -18.90 -10.00
O2P SEP A 142 -10.07 -19.70 -9.18
O3P SEP A 142 -8.30 -18.94 -7.43
H SEP A 142 -8.42 -15.28 -10.53
HA SEP A 142 -11.04 -15.07 -10.61
HB2 SEP A 142 -9.74 -17.12 -10.83
HB3 SEP A 142 -11.06 -17.25 -9.93
N GLU A 143 -11.94 -15.00 -8.18
CA GLU A 143 -12.34 -14.43 -6.90
C GLU A 143 -11.53 -15.00 -5.70
N PRO A 144 -11.28 -16.34 -5.66
CA PRO A 144 -10.44 -16.83 -4.54
C PRO A 144 -9.05 -16.24 -4.52
N HIS A 145 -8.47 -16.03 -5.70
CA HIS A 145 -7.14 -15.43 -5.78
C HIS A 145 -7.15 -13.98 -5.32
N ALA A 146 -8.11 -13.21 -5.82
CA ALA A 146 -8.29 -11.84 -5.37
C ALA A 146 -8.50 -11.78 -3.87
N ARG A 147 -9.32 -12.71 -3.34
N ARG A 147 -9.31 -12.71 -3.35
CA ARG A 147 -9.66 -12.69 -1.93
CA ARG A 147 -9.66 -12.72 -1.94
C ARG A 147 -8.44 -12.92 -1.05
C ARG A 147 -8.44 -12.92 -1.07
N PHE A 148 -7.55 -13.82 -1.49
CA PHE A 148 -6.32 -14.07 -0.75
C PHE A 148 -5.51 -12.79 -0.57
N TYR A 149 -5.35 -12.00 -1.64
CA TYR A 149 -4.62 -10.75 -1.52
C TYR A 149 -5.42 -9.74 -0.72
N ALA A 150 -6.74 -9.65 -0.98
CA ALA A 150 -7.57 -8.70 -0.27
C ALA A 150 -7.49 -8.91 1.24
N ALA A 151 -7.48 -10.17 1.68
CA ALA A 151 -7.46 -10.44 3.13
C ALA A 151 -6.20 -9.86 3.75
N GLN A 152 -5.11 -9.94 3.03
CA GLN A 152 -3.86 -9.37 3.57
C GLN A 152 -3.94 -7.86 3.68
N ILE A 153 -4.57 -7.20 2.71
CA ILE A 153 -4.75 -5.77 2.81
C ILE A 153 -5.68 -5.41 3.97
N VAL A 154 -6.76 -6.15 4.17
CA VAL A 154 -7.67 -5.86 5.28
C VAL A 154 -6.91 -5.92 6.61
N LEU A 155 -6.10 -6.97 6.80
CA LEU A 155 -5.35 -7.09 8.06
C LEU A 155 -4.32 -5.97 8.21
N THR A 156 -3.67 -5.61 7.09
CA THR A 156 -2.67 -4.55 7.13
C THR A 156 -3.30 -3.20 7.47
N PHE A 157 -4.45 -2.90 6.90
CA PHE A 157 -5.14 -1.67 7.23
C PHE A 157 -5.69 -1.71 8.65
N GLU A 158 -6.16 -2.87 9.12
CA GLU A 158 -6.60 -2.95 10.52
C GLU A 158 -5.43 -2.58 11.45
N TYR A 159 -4.27 -3.11 11.15
CA TYR A 159 -3.05 -2.77 11.90
C TYR A 159 -2.71 -1.29 11.80
N LEU A 160 -2.56 -0.78 10.57
CA LEU A 160 -2.17 0.62 10.39
C LEU A 160 -3.16 1.57 11.06
N HIS A 161 -4.45 1.33 10.83
CA HIS A 161 -5.45 2.27 11.36
C HIS A 161 -5.48 2.26 12.89
N SER A 162 -5.19 1.12 13.52
CA SER A 162 -5.15 1.04 14.97
C SER A 162 -4.04 1.91 15.54
N LEU A 163 -3.01 2.19 14.72
CA LEU A 163 -1.92 3.07 15.08
C LEU A 163 -2.17 4.50 14.65
N ASP A 164 -3.38 4.81 14.20
CA ASP A 164 -3.77 6.12 13.66
C ASP A 164 -3.00 6.45 12.40
N LEU A 165 -2.59 5.45 11.63
CA LEU A 165 -1.94 5.66 10.33
C LEU A 165 -2.90 5.40 9.19
N ILE A 166 -2.97 6.36 8.26
CA ILE A 166 -3.70 6.18 7.02
C ILE A 166 -2.67 5.94 5.92
N TYR A 167 -2.97 5.06 4.98
CA TYR A 167 -2.01 4.64 3.96
C TYR A 167 -2.06 5.54 2.71
N ARG A 168 -3.24 5.71 2.14
CA ARG A 168 -3.50 6.73 1.11
C ARG A 168 -2.93 6.46 -0.26
N ASP A 169 -2.37 5.31 -0.55
CA ASP A 169 -1.95 5.06 -1.93
C ASP A 169 -2.08 3.59 -2.31
N LEU A 170 -3.17 2.93 -1.88
CA LEU A 170 -3.35 1.55 -2.30
C LEU A 170 -3.56 1.45 -3.81
N LYS A 171 -2.87 0.52 -4.45
CA LYS A 171 -3.00 0.20 -5.88
C LYS A 171 -2.09 -0.98 -6.17
N PRO A 172 -2.33 -1.73 -7.26
CA PRO A 172 -1.47 -2.89 -7.54
C PRO A 172 -0.01 -2.55 -7.75
N GLU A 173 0.30 -1.33 -8.21
CA GLU A 173 1.69 -0.91 -8.45
C GLU A 173 2.49 -0.94 -7.15
N ASN A 174 1.83 -0.79 -6.00
CA ASN A 174 2.48 -0.65 -4.71
C ASN A 174 2.50 -1.96 -3.92
N LEU A 175 2.06 -3.05 -4.52
CA LEU A 175 1.91 -4.33 -3.80
C LEU A 175 2.86 -5.31 -4.47
N LEU A 176 3.92 -5.71 -3.77
CA LEU A 176 4.88 -6.64 -4.33
C LEU A 176 4.59 -8.06 -3.83
N ILE A 177 4.92 -9.04 -4.63
CA ILE A 177 4.67 -10.45 -4.29
C ILE A 177 5.98 -11.07 -3.85
N ASP A 178 5.98 -11.68 -2.66
CA ASP A 178 7.20 -12.25 -2.09
C ASP A 178 7.39 -13.70 -2.53
N GLN A 179 8.47 -14.33 -2.06
CA GLN A 179 8.80 -15.65 -2.53
C GLN A 179 7.82 -16.73 -2.08
N GLN A 180 6.94 -16.46 -1.12
CA GLN A 180 5.87 -17.38 -0.73
C GLN A 180 4.53 -16.99 -1.33
N GLY A 181 4.49 -15.98 -2.20
CA GLY A 181 3.24 -15.59 -2.85
C GLY A 181 2.40 -14.63 -2.05
N TYR A 182 2.91 -14.14 -0.93
CA TYR A 182 2.18 -13.17 -0.11
C TYR A 182 2.55 -11.75 -0.55
N ILE A 183 1.79 -10.80 -0.09
CA ILE A 183 1.98 -9.40 -0.46
C ILE A 183 2.86 -8.67 0.54
N GLN A 184 3.62 -7.76 -0.02
CA GLN A 184 4.34 -6.74 0.70
C GLN A 184 3.93 -5.36 0.20
N VAL A 185 3.40 -4.55 1.10
CA VAL A 185 3.05 -3.17 0.77
C VAL A 185 4.32 -2.37 0.82
N THR A 186 4.55 -1.60 -0.22
N THR A 186 4.65 -1.76 -0.29
CA THR A 186 5.56 -0.61 -0.17
CA THR A 186 5.84 -0.98 -0.42
C THR A 186 4.95 0.76 -0.49
C THR A 186 5.41 0.43 -0.71
N ASP A 187 5.84 1.69 -0.63
N ASP A 187 6.27 1.33 -0.35
CA ASP A 187 5.57 3.05 -0.94
CA ASP A 187 5.96 2.71 -0.58
C ASP A 187 4.73 3.72 0.12
C ASP A 187 4.93 3.17 0.42
N PHE A 188 5.38 4.12 1.20
CA PHE A 188 4.66 4.83 2.25
C PHE A 188 4.73 6.34 2.06
N GLY A 189 4.91 6.77 0.79
CA GLY A 189 5.04 8.18 0.47
C GLY A 189 3.88 9.04 0.85
N PHE A 190 2.68 8.46 0.93
N PHE A 190 2.66 8.49 0.94
CA PHE A 190 1.47 9.18 1.28
CA PHE A 190 1.54 9.30 1.40
C PHE A 190 0.93 8.81 2.65
C PHE A 190 1.00 8.89 2.76
N ALA A 191 1.62 7.92 3.40
CA ALA A 191 1.12 7.50 4.69
C ALA A 191 1.29 8.61 5.72
N LYS A 192 0.36 8.70 6.67
CA LYS A 192 0.40 9.76 7.66
C LYS A 192 -0.27 9.36 8.96
N ARG A 193 0.26 9.82 10.09
CA ARG A 193 -0.41 9.67 11.37
C ARG A 193 -1.47 10.77 11.51
N VAL A 194 -2.73 10.35 11.66
CA VAL A 194 -3.89 11.24 11.64
C VAL A 194 -4.81 10.79 12.77
N LYS A 195 -5.06 11.64 13.75
CA LYS A 195 -5.93 11.21 14.85
C LYS A 195 -7.41 11.35 14.54
N GLY A 196 -7.77 12.22 13.62
CA GLY A 196 -9.14 12.45 13.22
C GLY A 196 -9.20 12.69 11.72
N ARG A 197 -9.20 13.95 11.29
CA ARG A 197 -9.27 14.26 9.87
C ARG A 197 -7.94 14.82 9.38
N THR A 198 -7.77 14.75 8.07
CA THR A 198 -6.65 15.43 7.39
C THR A 198 -7.16 16.00 6.07
N TRP A 199 -6.38 16.84 5.44
CA TRP A 199 -6.89 17.67 4.35
C TRP A 199 -6.07 17.65 3.05
N TPO A 200 -4.92 16.99 2.99
CA TPO A 200 -4.12 17.08 1.76
CB TPO A 200 -2.75 16.47 1.95
CG2 TPO A 200 -1.82 16.72 0.74
OG1 TPO A 200 -2.17 17.04 3.11
P TPO A 200 -1.85 16.04 4.35
O1P TPO A 200 -1.49 16.98 5.49
O2P TPO A 200 -0.77 15.11 3.94
O3P TPO A 200 -3.16 15.28 4.64
C TPO A 200 -4.79 16.41 0.58
O TPO A 200 -5.26 15.27 0.69
H TPO A 200 -4.59 16.51 3.62
HA TPO A 200 -3.99 18.02 1.53
HB TPO A 200 -2.85 15.40 2.10
HG21 TPO A 200 -0.85 16.27 0.93
HG22 TPO A 200 -1.70 17.79 0.59
HG23 TPO A 200 -2.26 16.28 -0.15
N LEU A 201 -4.81 17.03 -0.59
CA LEU A 201 -5.32 16.41 -1.79
C LEU A 201 -4.25 15.56 -2.38
N CYS A 202 -4.23 14.26 -2.14
CA CYS A 202 -3.15 13.40 -2.59
C CYS A 202 -3.69 11.98 -2.77
N GLY A 203 -2.99 11.23 -3.61
CA GLY A 203 -3.27 9.84 -3.94
C GLY A 203 -3.19 9.62 -5.43
N THR A 204 -3.77 8.53 -5.90
CA THR A 204 -3.76 8.19 -7.30
C THR A 204 -5.16 8.29 -7.84
N PRO A 205 -5.42 8.99 -8.93
CA PRO A 205 -6.81 9.30 -9.34
C PRO A 205 -7.81 8.17 -9.26
N GLU A 206 -7.53 7.02 -9.86
CA GLU A 206 -8.50 5.94 -9.91
C GLU A 206 -8.89 5.44 -8.51
N TYR A 207 -8.04 5.65 -7.51
CA TYR A 207 -8.21 5.12 -6.16
C TYR A 207 -8.70 6.16 -5.16
N LEU A 208 -8.91 7.42 -5.57
CA LEU A 208 -9.33 8.45 -4.64
C LEU A 208 -10.76 8.32 -4.22
N ALA A 209 -11.00 8.43 -2.89
CA ALA A 209 -12.36 8.49 -2.42
C ALA A 209 -13.00 9.81 -2.80
N PRO A 210 -14.35 9.84 -2.89
CA PRO A 210 -15.02 11.09 -3.29
C PRO A 210 -14.71 12.25 -2.38
N GLU A 211 -14.60 12.00 -1.08
CA GLU A 211 -14.37 13.10 -0.16
C GLU A 211 -13.02 13.75 -0.38
N ILE A 212 -12.01 13.01 -0.88
CA ILE A 212 -10.75 13.65 -1.23
C ILE A 212 -10.96 14.59 -2.40
N ILE A 213 -11.59 14.08 -3.47
CA ILE A 213 -11.83 14.87 -4.68
C ILE A 213 -12.61 16.13 -4.36
N LEU A 214 -13.55 16.05 -3.43
CA LEU A 214 -14.42 17.17 -3.07
C LEU A 214 -13.80 18.09 -2.01
N SER A 215 -12.51 17.94 -1.74
CA SER A 215 -11.80 18.89 -0.86
C SER A 215 -12.41 18.94 0.52
N LYS A 216 -12.88 17.80 1.01
CA LYS A 216 -13.42 17.68 2.35
C LYS A 216 -12.34 17.08 3.21
N GLY A 217 -12.28 17.50 4.48
CA GLY A 217 -11.44 16.84 5.44
C GLY A 217 -11.89 15.39 5.58
N TYR A 218 -10.94 14.48 5.59
CA TYR A 218 -11.29 13.06 5.47
C TYR A 218 -10.46 12.28 6.46
N ASN A 219 -10.84 11.01 6.58
CA ASN A 219 -10.28 10.13 7.60
C ASN A 219 -9.85 8.79 6.99
N LYS A 220 -9.59 7.82 7.87
CA LYS A 220 -9.11 6.51 7.43
C LYS A 220 -10.07 5.76 6.54
N ALA A 221 -11.33 6.19 6.45
CA ALA A 221 -12.25 5.55 5.54
C ALA A 221 -11.85 5.66 4.09
N VAL A 222 -10.97 6.61 3.74
CA VAL A 222 -10.50 6.64 2.35
C VAL A 222 -9.77 5.36 1.99
N ASP A 223 -9.09 4.72 2.96
CA ASP A 223 -8.38 3.48 2.66
C ASP A 223 -9.36 2.33 2.39
N TRP A 224 -10.53 2.37 3.02
CA TRP A 224 -11.52 1.33 2.79
C TRP A 224 -12.19 1.49 1.44
N TRP A 225 -12.46 2.73 1.03
CA TRP A 225 -12.85 2.98 -0.35
C TRP A 225 -11.83 2.42 -1.32
N ALA A 226 -10.55 2.74 -1.09
CA ALA A 226 -9.50 2.25 -1.97
C ALA A 226 -9.44 0.74 -2.03
N LEU A 227 -9.71 0.06 -0.91
CA LEU A 227 -9.78 -1.40 -0.94
C LEU A 227 -10.85 -1.87 -1.88
N GLY A 228 -12.01 -1.19 -1.89
CA GLY A 228 -13.03 -1.54 -2.85
C GLY A 228 -12.55 -1.41 -4.30
N VAL A 229 -11.83 -0.33 -4.60
CA VAL A 229 -11.29 -0.16 -5.94
C VAL A 229 -10.31 -1.28 -6.26
N LEU A 230 -9.44 -1.64 -5.31
CA LEU A 230 -8.46 -2.67 -5.55
C LEU A 230 -9.11 -4.02 -5.80
N ILE A 231 -10.06 -4.39 -4.94
CA ILE A 231 -10.74 -5.69 -5.11
C ILE A 231 -11.41 -5.75 -6.49
N TYR A 232 -12.11 -4.67 -6.83
CA TYR A 232 -12.75 -4.60 -8.15
C TYR A 232 -11.73 -4.81 -9.26
N GLU A 233 -10.60 -4.06 -9.20
CA GLU A 233 -9.62 -4.16 -10.26
C GLU A 233 -9.00 -5.55 -10.32
N MET A 234 -8.69 -6.15 -9.16
CA MET A 234 -8.13 -7.48 -9.18
C MET A 234 -9.09 -8.47 -9.84
N ALA A 235 -10.37 -8.38 -9.54
CA ALA A 235 -11.35 -9.34 -10.01
C ALA A 235 -11.88 -9.05 -11.41
N ALA A 236 -11.80 -7.79 -11.86
CA ALA A 236 -12.27 -7.41 -13.20
C ALA A 236 -11.16 -7.31 -14.22
N GLY A 237 -10.01 -6.86 -13.76
CA GLY A 237 -8.86 -6.51 -14.60
C GLY A 237 -8.75 -5.05 -14.91
N TYR A 238 -9.69 -4.24 -14.48
CA TYR A 238 -9.69 -2.80 -14.68
C TYR A 238 -10.46 -2.23 -13.51
N PRO A 239 -10.17 -0.97 -13.14
CA PRO A 239 -10.81 -0.38 -11.97
C PRO A 239 -12.21 0.13 -12.28
N PRO A 240 -12.99 0.45 -11.25
CA PRO A 240 -14.42 0.78 -11.45
C PRO A 240 -14.68 2.15 -12.07
N PHE A 241 -13.75 3.08 -11.91
CA PHE A 241 -13.87 4.44 -12.41
C PHE A 241 -12.70 4.62 -13.37
N PHE A 242 -12.96 4.46 -14.65
CA PHE A 242 -11.92 4.17 -15.64
C PHE A 242 -12.13 5.11 -16.81
N ALA A 243 -11.15 5.99 -17.04
CA ALA A 243 -11.24 6.99 -18.09
C ALA A 243 -9.84 7.49 -18.41
N ASP A 244 -9.68 8.09 -19.57
CA ASP A 244 -8.32 8.44 -20.00
C ASP A 244 -7.71 9.60 -19.23
N GLN A 245 -8.52 10.53 -18.74
CA GLN A 245 -7.97 11.70 -18.07
C GLN A 245 -8.43 11.80 -16.63
N PRO A 246 -7.56 12.28 -15.73
CA PRO A 246 -7.99 12.42 -14.33
C PRO A 246 -9.34 13.12 -14.13
N ILE A 247 -9.61 14.23 -14.80
CA ILE A 247 -10.87 14.94 -14.53
C ILE A 247 -12.09 14.07 -14.82
N GLN A 248 -12.01 13.23 -15.86
CA GLN A 248 -13.12 12.32 -16.16
C GLN A 248 -13.23 11.22 -15.08
N ILE A 249 -12.09 10.72 -14.61
CA ILE A 249 -12.09 9.76 -13.50
C ILE A 249 -12.80 10.35 -12.30
N TYR A 250 -12.46 11.60 -11.95
CA TYR A 250 -13.04 12.24 -10.77
C TYR A 250 -14.54 12.37 -10.88
N GLU A 251 -15.03 12.76 -12.05
CA GLU A 251 -16.48 12.86 -12.26
C GLU A 251 -17.18 11.53 -12.05
N LYS A 252 -16.58 10.41 -12.50
CA LYS A 252 -17.22 9.10 -12.28
C LYS A 252 -17.21 8.73 -10.79
N ILE A 253 -16.12 9.03 -10.09
CA ILE A 253 -16.02 8.69 -8.68
C ILE A 253 -17.11 9.37 -7.89
N VAL A 254 -17.30 10.67 -8.13
CA VAL A 254 -18.25 11.42 -7.30
C VAL A 254 -19.71 11.11 -7.66
N SER A 255 -19.97 10.62 -8.85
CA SER A 255 -21.34 10.25 -9.24
C SER A 255 -22.11 9.30 -8.28
N GLY A 256 -21.44 8.39 -7.57
CA GLY A 256 -22.19 7.41 -6.81
C GLY A 256 -22.71 6.23 -7.62
N LYS A 257 -22.13 5.96 -8.81
CA LYS A 257 -22.55 4.87 -9.70
C LYS A 257 -21.37 3.95 -9.91
N VAL A 258 -21.59 2.64 -9.81
CA VAL A 258 -20.65 1.62 -10.23
C VAL A 258 -21.39 0.53 -10.96
N ARG A 259 -20.77 0.01 -12.01
CA ARG A 259 -21.25 -1.12 -12.76
C ARG A 259 -20.27 -2.27 -12.60
N PHE A 260 -20.74 -3.50 -12.60
CA PHE A 260 -19.95 -4.68 -12.34
C PHE A 260 -19.96 -5.63 -13.52
N PRO A 261 -18.85 -6.32 -13.77
CA PRO A 261 -18.86 -7.40 -14.78
C PRO A 261 -19.88 -8.47 -14.44
N SER A 262 -20.43 -9.11 -15.49
CA SER A 262 -21.44 -10.14 -15.30
C SER A 262 -20.89 -11.37 -14.59
N HIS A 263 -19.58 -11.54 -14.55
CA HIS A 263 -19.03 -12.69 -13.86
C HIS A 263 -18.77 -12.47 -12.37
N PHE A 264 -18.93 -11.25 -11.85
CA PHE A 264 -18.78 -11.04 -10.41
C PHE A 264 -19.90 -11.78 -9.67
N SER A 265 -19.54 -12.47 -8.62
CA SER A 265 -20.52 -13.09 -7.75
C SER A 265 -21.35 -12.01 -7.06
N SER A 266 -22.56 -12.38 -6.65
CA SER A 266 -23.40 -11.45 -5.88
C SER A 266 -22.76 -11.09 -4.55
N ASP A 267 -22.08 -12.04 -3.90
CA ASP A 267 -21.39 -11.72 -2.66
C ASP A 267 -20.35 -10.63 -2.90
N LEU A 268 -19.58 -10.77 -3.98
CA LEU A 268 -18.58 -9.75 -4.27
C LEU A 268 -19.21 -8.39 -4.56
N LYS A 269 -20.27 -8.36 -5.37
CA LYS A 269 -20.91 -7.09 -5.64
C LYS A 269 -21.43 -6.44 -4.36
N ASP A 270 -22.02 -7.24 -3.45
CA ASP A 270 -22.51 -6.67 -2.20
C ASP A 270 -21.38 -6.04 -1.39
N LEU A 271 -20.26 -6.76 -1.27
CA LEU A 271 -19.13 -6.17 -0.55
C LEU A 271 -18.69 -4.87 -1.20
N LEU A 272 -18.56 -4.88 -2.51
CA LEU A 272 -18.06 -3.69 -3.21
C LEU A 272 -19.02 -2.51 -3.13
N ARG A 273 -20.32 -2.76 -3.13
N ARG A 273 -20.32 -2.76 -3.15
CA ARG A 273 -21.24 -1.64 -2.99
CA ARG A 273 -21.26 -1.65 -2.98
C ARG A 273 -21.16 -1.02 -1.60
C ARG A 273 -21.09 -1.00 -1.61
N ASN A 274 -20.75 -1.79 -0.61
CA ASN A 274 -20.60 -1.28 0.73
C ASN A 274 -19.24 -0.61 0.99
N LEU A 275 -18.20 -0.94 0.20
CA LEU A 275 -16.89 -0.26 0.29
C LEU A 275 -16.89 1.00 -0.58
N LEU A 276 -17.42 0.88 -1.80
CA LEU A 276 -17.53 1.98 -2.76
C LEU A 276 -18.80 2.78 -2.48
N GLN A 277 -18.95 3.19 -1.23
CA GLN A 277 -20.12 3.88 -0.72
C GLN A 277 -19.73 5.35 -0.50
N VAL A 278 -20.36 6.23 -1.28
N VAL A 278 -20.38 6.23 -1.26
CA VAL A 278 -20.07 7.65 -1.10
CA VAL A 278 -20.10 7.65 -1.13
C VAL A 278 -20.46 8.13 0.29
C VAL A 278 -20.55 8.21 0.22
N ASP A 279 -21.56 7.62 0.85
CA ASP A 279 -22.10 8.13 2.11
C ASP A 279 -21.26 7.54 3.24
N LEU A 280 -20.52 8.40 3.93
CA LEU A 280 -19.61 7.93 5.00
C LEU A 280 -20.34 7.31 6.17
N THR A 281 -21.62 7.65 6.35
CA THR A 281 -22.41 7.03 7.41
C THR A 281 -22.78 5.60 7.07
N LYS A 282 -22.49 5.15 5.82
CA LYS A 282 -22.82 3.79 5.40
C LYS A 282 -21.63 2.97 4.95
N ARG A 283 -20.43 3.55 4.86
CA ARG A 283 -19.30 2.84 4.25
C ARG A 283 -18.73 1.81 5.21
N PHE A 284 -18.58 0.60 4.74
CA PHE A 284 -17.95 -0.46 5.53
C PHE A 284 -16.55 -0.04 5.88
N GLY A 285 -16.15 -0.35 7.11
CA GLY A 285 -14.93 0.07 7.68
C GLY A 285 -15.09 1.31 8.51
N ASN A 286 -16.19 2.05 8.32
CA ASN A 286 -16.41 3.33 8.96
C ASN A 286 -17.59 3.34 9.90
N LEU A 287 -18.14 2.17 10.23
CA LEU A 287 -19.34 2.05 11.05
C LEU A 287 -18.98 1.58 12.44
N LYS A 288 -20.00 1.45 13.30
CA LYS A 288 -19.72 1.14 14.70
C LYS A 288 -18.95 -0.16 14.85
N ASN A 289 -19.14 -1.13 13.97
N ASN A 289 -19.17 -1.13 13.98
CA ASN A 289 -18.44 -2.41 14.07
CA ASN A 289 -18.50 -2.43 14.05
C ASN A 289 -17.12 -2.40 13.32
C ASN A 289 -17.14 -2.40 13.35
N GLY A 290 -16.73 -1.25 12.80
CA GLY A 290 -15.37 -1.12 12.26
C GLY A 290 -14.99 -2.14 11.19
N VAL A 291 -13.78 -2.68 11.31
CA VAL A 291 -13.25 -3.62 10.33
C VAL A 291 -14.06 -4.91 10.33
N ASN A 292 -14.80 -5.18 11.41
CA ASN A 292 -15.50 -6.45 11.49
C ASN A 292 -16.62 -6.56 10.45
N ASP A 293 -17.17 -5.45 9.99
CA ASP A 293 -18.18 -5.55 8.93
C ASP A 293 -17.57 -6.11 7.66
N ILE A 294 -16.28 -5.82 7.42
CA ILE A 294 -15.58 -6.37 6.29
C ILE A 294 -15.19 -7.82 6.55
N LYS A 295 -14.53 -8.10 7.68
CA LYS A 295 -14.01 -9.43 7.92
C LYS A 295 -15.14 -10.48 8.04
N ASN A 296 -16.32 -10.07 8.49
CA ASN A 296 -17.45 -10.97 8.65
C ASN A 296 -18.38 -10.99 7.45
N HIS A 297 -18.05 -10.28 6.37
CA HIS A 297 -18.89 -10.31 5.18
C HIS A 297 -18.85 -11.69 4.53
N LYS A 298 -19.97 -12.06 3.91
CA LYS A 298 -20.07 -13.34 3.23
C LYS A 298 -18.97 -13.60 2.20
N TRP A 299 -18.48 -12.55 1.50
CA TRP A 299 -17.45 -12.86 0.53
C TRP A 299 -16.19 -13.40 1.18
N PHE A 300 -15.94 -13.06 2.46
CA PHE A 300 -14.79 -13.54 3.19
C PHE A 300 -15.09 -14.75 4.07
N ALA A 301 -16.23 -15.40 3.88
CA ALA A 301 -16.62 -16.49 4.78
C ALA A 301 -15.60 -17.62 4.84
N THR A 302 -14.91 -17.91 3.71
CA THR A 302 -13.91 -18.98 3.63
C THR A 302 -12.53 -18.55 4.12
N THR A 303 -12.38 -17.28 4.52
CA THR A 303 -11.08 -16.76 4.92
C THR A 303 -10.82 -17.08 6.39
N ASP A 304 -9.69 -17.71 6.64
CA ASP A 304 -9.20 -17.96 7.99
C ASP A 304 -8.22 -16.82 8.28
N TRP A 305 -8.72 -15.78 8.96
CA TRP A 305 -7.96 -14.57 9.17
C TRP A 305 -6.66 -14.82 9.90
N ILE A 306 -6.69 -15.68 10.94
CA ILE A 306 -5.47 -15.97 11.68
C ILE A 306 -4.48 -16.72 10.81
N ALA A 307 -4.97 -17.69 10.02
CA ALA A 307 -4.08 -18.42 9.14
C ALA A 307 -3.42 -17.53 8.10
N ILE A 308 -4.14 -16.54 7.60
CA ILE A 308 -3.54 -15.58 6.67
C ILE A 308 -2.41 -14.84 7.36
N TYR A 309 -2.67 -14.32 8.57
CA TYR A 309 -1.69 -13.56 9.32
C TYR A 309 -0.44 -14.40 9.53
N GLN A 310 -0.67 -15.64 9.95
CA GLN A 310 0.42 -16.56 10.24
C GLN A 310 1.09 -17.10 8.99
N ARG A 311 0.58 -16.72 7.80
CA ARG A 311 1.11 -17.18 6.54
C ARG A 311 0.98 -18.70 6.38
N LYS A 312 -0.11 -19.30 6.90
CA LYS A 312 -0.30 -20.76 6.88
C LYS A 312 -1.05 -21.21 5.62
N VAL A 313 -1.64 -20.25 4.87
CA VAL A 313 -2.47 -20.57 3.73
C VAL A 313 -1.60 -20.69 2.49
N GLU A 314 -1.87 -21.71 1.70
CA GLU A 314 -1.16 -21.88 0.46
C GLU A 314 -1.53 -20.76 -0.51
N ALA A 315 -0.53 -20.07 -1.05
CA ALA A 315 -0.80 -18.96 -1.97
C ALA A 315 -1.24 -19.45 -3.34
N PRO A 316 -1.98 -18.60 -4.08
CA PRO A 316 -2.49 -18.99 -5.37
C PRO A 316 -1.40 -19.12 -6.39
N PHE A 317 -0.34 -18.34 -6.28
CA PHE A 317 0.84 -18.65 -7.08
C PHE A 317 2.09 -18.07 -6.48
N ILE A 318 3.18 -18.70 -6.86
CA ILE A 318 4.49 -18.44 -6.33
C ILE A 318 5.30 -17.92 -7.51
N PRO A 319 5.81 -16.70 -7.47
CA PRO A 319 6.66 -16.22 -8.56
C PRO A 319 7.88 -17.09 -8.76
N LYS A 320 8.35 -17.15 -10.00
CA LYS A 320 9.57 -17.87 -10.29
C LYS A 320 10.79 -17.03 -9.86
N PHE A 321 11.78 -17.69 -9.28
CA PHE A 321 12.93 -16.99 -8.72
C PHE A 321 14.15 -17.79 -9.09
N LYS A 322 15.11 -17.12 -9.73
CA LYS A 322 16.26 -17.78 -10.30
C LYS A 322 17.49 -17.67 -9.39
N GLY A 323 17.39 -16.89 -8.33
CA GLY A 323 18.47 -16.79 -7.38
C GLY A 323 18.53 -15.41 -6.78
N PRO A 324 19.42 -15.22 -5.81
CA PRO A 324 19.56 -13.90 -5.22
C PRO A 324 19.81 -12.86 -6.31
N GLY A 325 19.09 -11.75 -6.18
CA GLY A 325 19.25 -10.62 -7.09
C GLY A 325 18.62 -10.76 -8.44
N ASP A 326 17.85 -11.81 -8.68
CA ASP A 326 17.14 -11.93 -9.95
C ASP A 326 16.13 -10.79 -10.07
N THR A 327 16.08 -10.17 -11.25
CA THR A 327 15.14 -9.09 -11.52
C THR A 327 14.15 -9.44 -12.64
N SER A 328 14.03 -10.72 -12.99
CA SER A 328 13.19 -11.11 -14.12
C SER A 328 11.73 -10.82 -13.95
N ASN A 329 11.24 -10.59 -12.73
CA ASN A 329 9.82 -10.30 -12.51
C ASN A 329 9.51 -8.81 -12.57
N PHE A 330 10.49 -7.96 -12.91
CA PHE A 330 10.29 -6.54 -13.01
C PHE A 330 10.48 -6.09 -14.45
N ASP A 331 9.79 -5.02 -14.79
CA ASP A 331 9.91 -4.39 -16.10
C ASP A 331 11.21 -3.58 -16.13
N ASP A 332 11.63 -3.21 -17.34
CA ASP A 332 12.82 -2.42 -17.54
C ASP A 332 12.50 -0.93 -17.58
N TYR A 333 13.47 -0.13 -17.13
CA TYR A 333 13.35 1.33 -17.08
C TYR A 333 14.64 1.96 -17.58
N GLU A 334 14.53 3.19 -18.06
CA GLU A 334 15.72 3.96 -18.43
C GLU A 334 16.63 4.15 -17.21
N GLU A 335 17.92 3.87 -17.39
CA GLU A 335 18.89 4.02 -16.31
C GLU A 335 19.50 5.41 -16.36
N GLU A 336 19.59 6.08 -15.21
CA GLU A 336 20.23 7.39 -15.16
C GLU A 336 21.29 7.37 -14.05
N GLU A 337 22.48 7.89 -14.33
CA GLU A 337 23.54 7.89 -13.35
C GLU A 337 23.13 8.69 -12.12
N ILE A 338 23.49 8.20 -10.94
CA ILE A 338 23.25 8.91 -9.69
C ILE A 338 24.39 9.90 -9.49
N ARG A 339 24.10 11.20 -9.66
CA ARG A 339 25.11 12.25 -9.48
C ARG A 339 24.90 12.93 -8.14
N VAL A 340 25.96 13.04 -7.36
CA VAL A 340 25.92 13.71 -6.07
C VAL A 340 26.69 15.05 -6.15
N SEP A 341 26.00 16.15 -5.86
CA SEP A 341 26.59 17.48 -5.99
CB SEP A 341 25.51 18.55 -5.95
OG SEP A 341 26.06 19.86 -5.83
C SEP A 341 27.62 17.74 -4.90
O SEP A 341 27.57 17.14 -3.84
P SEP A 341 26.45 20.47 -7.24
O1P SEP A 341 26.28 22.05 -7.01
O2P SEP A 341 25.39 19.96 -8.34
O3P SEP A 341 27.95 19.97 -7.50
H SEP A 341 25.18 16.15 -5.59
HA SEP A 341 27.05 17.54 -6.86
HB2 SEP A 341 24.92 18.38 -5.19
HB3 SEP A 341 24.99 18.50 -6.77
N ILE A 342 28.56 18.63 -5.19
CA ILE A 342 29.59 19.01 -4.22
C ILE A 342 29.02 19.99 -3.19
N ASN A 343 27.85 20.56 -3.47
CA ASN A 343 27.20 21.51 -2.59
C ASN A 343 25.93 20.90 -2.00
N GLU A 344 25.76 21.02 -0.68
CA GLU A 344 24.54 20.54 -0.05
C GLU A 344 23.31 21.26 -0.57
N LYS A 345 22.29 20.49 -0.96
CA LYS A 345 21.02 21.06 -1.41
C LYS A 345 19.97 20.87 -0.33
N CYS A 346 19.21 21.91 -0.07
CA CYS A 346 18.00 21.79 0.77
C CYS A 346 18.31 21.19 2.14
N GLY A 347 19.42 21.59 2.74
CA GLY A 347 19.81 20.99 4.02
C GLY A 347 18.85 21.31 5.14
N LYS A 348 18.33 22.55 5.19
CA LYS A 348 17.43 22.92 6.28
C LYS A 348 16.06 22.23 6.13
N GLU A 349 15.56 22.11 4.90
CA GLU A 349 14.28 21.45 4.68
C GLU A 349 14.28 19.98 5.11
N PHE A 350 15.44 19.31 5.14
CA PHE A 350 15.49 17.89 5.43
C PHE A 350 16.30 17.55 6.69
N THR A 351 16.43 18.52 7.60
CA THR A 351 17.18 18.31 8.82
C THR A 351 16.76 17.05 9.56
N GLU A 352 15.44 16.82 9.68
CA GLU A 352 14.90 15.71 10.47
C GLU A 352 15.09 14.35 9.82
N PHE A 353 15.45 14.30 8.54
CA PHE A 353 15.50 13.02 7.84
C PHE A 353 16.75 12.20 8.19
N ALA B 3 -12.75 3.13 -22.39
CA ALA B 3 -11.31 3.37 -22.50
C ALA B 3 -10.80 4.01 -21.20
N GLY B 4 -9.58 3.67 -20.81
CA GLY B 4 -9.00 4.25 -19.61
C GLY B 4 -7.54 3.88 -19.55
N ARG B 5 -6.92 4.21 -18.43
CA ARG B 5 -5.44 4.10 -18.33
C ARG B 5 -5.03 2.68 -18.01
N THR B 6 -4.22 2.06 -18.84
CA THR B 6 -3.80 0.68 -18.64
C THR B 6 -2.38 0.54 -18.12
N GLY B 7 -1.59 1.59 -18.16
CA GLY B 7 -0.22 1.56 -17.69
C GLY B 7 -0.12 1.94 -16.23
N ARG B 8 1.10 2.00 -15.75
CA ARG B 8 1.31 2.39 -14.38
C ARG B 8 0.83 3.80 -14.15
N ARG B 9 0.21 4.01 -12.98
CA ARG B 9 -0.45 5.27 -12.63
C ARG B 9 0.33 6.01 -11.59
N GLN B 10 0.65 7.27 -11.87
CA GLN B 10 1.39 8.11 -10.94
C GLN B 10 0.49 8.74 -9.90
N ALA B 11 0.98 8.84 -8.68
CA ALA B 11 0.25 9.57 -7.67
C ALA B 11 0.31 11.06 -7.95
N ILE B 12 -0.62 11.78 -7.36
CA ILE B 12 -0.59 13.22 -7.39
C ILE B 12 -0.40 13.71 -5.95
N HIS B 13 0.55 14.61 -5.74
CA HIS B 13 0.87 15.02 -4.37
C HIS B 13 -0.05 16.13 -3.87
N ASP B 14 -0.57 16.94 -4.81
CA ASP B 14 -1.55 18.00 -4.60
C ASP B 14 -2.33 18.11 -5.91
N ILE B 15 -3.51 17.52 -5.98
CA ILE B 15 -4.40 17.71 -7.11
C ILE B 15 -4.99 19.08 -6.89
C1 MPD C . -4.54 -11.54 12.52
C2 MPD C . -4.35 -10.66 13.75
O2 MPD C . -5.65 -10.62 14.38
CM MPD C . -3.36 -11.30 14.74
C3 MPD C . -3.87 -9.22 13.44
C4 MPD C . -4.92 -8.38 12.66
O4 MPD C . -5.96 -8.07 13.54
C5 MPD C . -4.53 -7.05 11.92
H11 MPD C . -4.29 -10.97 11.62
H12 MPD C . -5.57 -11.87 12.47
H13 MPD C . -3.87 -12.41 12.59
HO2 MPD C . -5.94 -9.69 14.47
HM1 MPD C . -2.58 -10.59 14.98
HM2 MPD C . -3.90 -11.57 15.65
HM3 MPD C . -2.93 -12.18 14.29
H31 MPD C . -2.96 -9.28 12.85
H32 MPD C . -3.64 -8.71 14.37
H4 MPD C . -5.32 -9.03 11.89
HO4 MPD C . -6.82 -8.10 13.06
H51 MPD C . -5.16 -6.23 12.27
H52 MPD C . -3.48 -6.81 12.13
H53 MPD C . -4.66 -7.17 10.85
C4 8G8 D . -0.33 -18.35 -12.06
C5 8G8 D . -1.46 -17.69 -11.59
C6 8G8 D . -0.64 -15.70 -12.00
N1 8G8 D . -0.50 -19.73 -11.95
C7 8G8 D . 0.63 -17.47 -12.51
N2 8G8 D . -1.66 -16.38 -11.52
N3 8G8 D . 0.50 -16.13 -12.51
CL 8G8 D . -0.83 -13.99 -11.94
C3 8G8 D . -1.71 -19.86 -11.46
N 8G8 D . -2.35 -18.69 -11.23
C1 8G8 D . -3.74 -18.47 -10.76
H8 8G8 D . 1.58 -17.82 -12.90
H7 8G8 D . -2.16 -20.83 -11.25
H3 8G8 D . -4.14 -17.64 -11.33
#